data_8I0D
#
_entry.id   8I0D
#
_cell.length_a   47.470
_cell.length_b   74.520
_cell.length_c   128.980
_cell.angle_alpha   90.00
_cell.angle_beta   90.00
_cell.angle_gamma   90.00
#
_symmetry.space_group_name_H-M   'P 21 21 21'
#
loop_
_entity.id
_entity.type
_entity.pdbx_description
1 polymer Glycosyltransferase
2 non-polymer "URIDINE-5'-DIPHOSPHATE-GLUCOSE"
3 water water
#
_entity_poly.entity_id   1
_entity_poly.type   'polypeptide(L)'
_entity_poly.pdbx_seq_one_letter_code
;MVFQSHIGVLAFPFGTHAAPLLTVVQRLATSSPHTLFSFFNSAVSNSTLFNNGVLDSYDNIRVYHVWDGTPQGQAFTGSH
FEAVGLFLKASPGNFDKVIDEAEVETGLKISCLITDAFLWFGYDLAEKRGVPWLAFWTSAQCALSAHMYTHEILKAVGSN
GVGETAEEELIQSLIPGLEMAHLSDLPPEIFFDKNPNPLAITINKMVLKLPKSTAVILNSFEEIDPIITTDLKSKFHHFL
NIGPSILSSPTPPPPDDKTGCLAWLDSQTRPKSVVYISFGTVITPPENELAALSEALETCNYPFLWSLNDRAKKSLPTGF
LDRTKELGMIVPWAPQPRVLAHRSVGVFVTHCGWNSILESICSGVPLICRPFFGSDHKLNSRMVEDSWKIGVRLEGGVLS
KTATVEALGRVMMSEEGEIIRENVNEMNEKAKIAVEPKGSSFKNFNKLLEIINAPQSS
;
_entity_poly.pdbx_strand_id   A
#
# COMPACT_ATOMS: atom_id res chain seq x y z
N VAL A 2 -14.82 -3.61 30.70
CA VAL A 2 -15.11 -5.09 30.71
C VAL A 2 -15.06 -5.62 29.27
N PHE A 3 -14.00 -6.34 28.99
CA PHE A 3 -13.80 -6.88 27.64
C PHE A 3 -14.34 -8.31 27.59
N GLN A 4 -14.93 -8.62 26.44
CA GLN A 4 -15.62 -9.90 26.14
C GLN A 4 -14.84 -10.74 25.10
N SER A 5 -14.08 -10.11 24.23
CA SER A 5 -13.34 -10.71 23.08
C SER A 5 -11.93 -10.07 23.12
N HIS A 6 -10.93 -10.77 22.58
CA HIS A 6 -9.52 -10.31 22.59
C HIS A 6 -8.91 -10.69 21.24
N ILE A 7 -8.60 -9.71 20.44
CA ILE A 7 -8.11 -9.96 19.07
C ILE A 7 -6.60 -9.74 19.10
N GLY A 8 -5.82 -10.76 18.71
CA GLY A 8 -4.40 -10.55 18.53
C GLY A 8 -4.12 -10.11 17.10
N VAL A 9 -3.20 -9.16 16.92
CA VAL A 9 -2.91 -8.58 15.60
C VAL A 9 -1.40 -8.59 15.40
N LEU A 10 -0.96 -9.35 14.40
CA LEU A 10 0.47 -9.52 14.17
C LEU A 10 0.89 -8.78 12.89
N ALA A 11 1.80 -7.84 13.06
CA ALA A 11 2.32 -7.02 11.95
C ALA A 11 3.55 -7.61 11.32
N PHE A 12 3.75 -7.28 10.05
CA PHE A 12 5.03 -7.52 9.36
C PHE A 12 5.84 -6.24 9.51
N PRO A 13 6.98 -6.25 10.20
CA PRO A 13 7.61 -4.99 10.62
C PRO A 13 8.48 -4.26 9.58
N PHE A 14 8.24 -4.49 8.30
CA PHE A 14 9.10 -3.90 7.25
C PHE A 14 8.24 -3.21 6.20
N GLY A 15 8.84 -2.30 5.40
CA GLY A 15 8.10 -1.59 4.38
C GLY A 15 6.95 -0.80 4.97
N THR A 16 5.87 -0.62 4.21
CA THR A 16 4.69 0.16 4.65
C THR A 16 3.61 -0.84 5.06
N HIS A 17 4.00 -1.85 5.80
CA HIS A 17 3.03 -2.91 6.18
C HIS A 17 2.34 -2.61 7.52
N ALA A 18 3.09 -2.18 8.53
CA ALA A 18 2.57 -2.08 9.92
C ALA A 18 1.55 -0.93 10.00
N ALA A 19 1.81 0.21 9.32
CA ALA A 19 0.92 1.38 9.46
C ALA A 19 -0.49 1.06 8.96
N PRO A 20 -0.67 0.51 7.73
CA PRO A 20 -2.02 0.27 7.25
C PRO A 20 -2.78 -0.74 8.12
N LEU A 21 -2.04 -1.71 8.68
CA LEU A 21 -2.67 -2.67 9.60
C LEU A 21 -3.10 -1.99 10.91
N LEU A 22 -2.24 -1.13 11.46
CA LEU A 22 -2.65 -0.40 12.68
C LEU A 22 -3.89 0.44 12.39
N THR A 23 -3.96 1.07 11.22
CA THR A 23 -5.12 1.89 10.89
C THR A 23 -6.40 1.04 10.95
N VAL A 24 -6.35 -0.17 10.42
CA VAL A 24 -7.52 -1.09 10.46
C VAL A 24 -7.82 -1.44 11.92
N VAL A 25 -6.80 -1.72 12.73
CA VAL A 25 -7.04 -2.01 14.17
C VAL A 25 -7.72 -0.83 14.85
N GLN A 26 -7.28 0.38 14.58
CA GLN A 26 -7.86 1.57 15.19
C GLN A 26 -9.32 1.71 14.75
N ARG A 27 -9.60 1.49 13.46
CA ARG A 27 -10.99 1.54 12.98
C ARG A 27 -11.83 0.50 13.70
N LEU A 28 -11.35 -0.74 13.81
CA LEU A 28 -12.11 -1.79 14.49
C LEU A 28 -12.29 -1.43 16.00
N ALA A 29 -11.23 -0.96 16.65
CA ALA A 29 -11.28 -0.63 18.10
C ALA A 29 -12.35 0.43 18.33
N THR A 30 -12.40 1.46 17.46
CA THR A 30 -13.35 2.57 17.63
C THR A 30 -14.78 2.03 17.72
N SER A 31 -15.09 0.99 16.97
CA SER A 31 -16.43 0.41 16.79
C SER A 31 -16.68 -0.78 17.71
N SER A 32 -15.69 -1.13 18.55
CA SER A 32 -15.70 -2.41 19.27
C SER A 32 -15.35 -2.20 20.74
N PRO A 33 -16.17 -1.48 21.51
CA PRO A 33 -15.74 -1.11 22.84
C PRO A 33 -15.65 -2.22 23.87
N HIS A 34 -16.27 -3.38 23.63
CA HIS A 34 -16.19 -4.57 24.50
C HIS A 34 -15.12 -5.52 23.96
N THR A 35 -14.33 -5.10 22.99
CA THR A 35 -13.27 -5.96 22.43
C THR A 35 -11.91 -5.32 22.66
N LEU A 36 -10.98 -6.12 23.12
CA LEU A 36 -9.59 -5.74 23.37
C LEU A 36 -8.79 -6.16 22.14
N PHE A 37 -7.84 -5.32 21.74
CA PHE A 37 -6.94 -5.57 20.62
C PHE A 37 -5.53 -5.50 21.13
N SER A 38 -4.75 -6.55 20.88
CA SER A 38 -3.32 -6.54 21.21
C SER A 38 -2.56 -6.55 19.90
N PHE A 39 -1.70 -5.56 19.72
CA PHE A 39 -0.93 -5.33 18.49
C PHE A 39 0.53 -5.68 18.73
N PHE A 40 1.02 -6.63 17.95
CA PHE A 40 2.36 -7.24 18.10
C PHE A 40 3.22 -6.86 16.89
N ASN A 41 4.37 -6.27 17.16
CA ASN A 41 5.21 -5.70 16.10
C ASN A 41 6.61 -5.55 16.63
N SER A 42 7.59 -5.26 15.79
CA SER A 42 8.94 -5.01 16.34
C SER A 42 8.95 -3.71 17.14
N ALA A 43 9.81 -3.62 18.14
CA ALA A 43 10.01 -2.37 18.89
C ALA A 43 10.43 -1.24 17.94
N VAL A 44 11.30 -1.52 16.97
CA VAL A 44 11.77 -0.47 16.01
C VAL A 44 10.56 0.03 15.21
N SER A 45 9.71 -0.86 14.70
CA SER A 45 8.54 -0.40 13.92
C SER A 45 7.60 0.41 14.85
N ASN A 46 7.33 -0.10 16.05
CA ASN A 46 6.36 0.51 16.98
C ASN A 46 6.79 1.94 17.28
N SER A 47 8.10 2.18 17.38
CA SER A 47 8.59 3.51 17.76
C SER A 47 8.27 4.50 16.62
N THR A 48 8.07 4.06 15.37
CA THR A 48 7.67 4.97 14.26
C THR A 48 6.14 5.21 14.21
N LEU A 49 5.32 4.35 14.83
CA LEU A 49 3.83 4.39 14.71
C LEU A 49 3.14 5.09 15.89
N PHE A 50 3.72 5.03 17.09
CA PHE A 50 3.13 5.51 18.36
C PHE A 50 4.03 6.60 18.96
N GLY A 53 -1.57 11.37 20.41
CA GLY A 53 -2.69 12.33 20.45
C GLY A 53 -4.01 11.70 20.88
N VAL A 54 -5.05 12.54 21.00
CA VAL A 54 -6.35 12.22 21.67
C VAL A 54 -7.01 11.08 20.87
N LEU A 55 -7.04 11.25 19.54
CA LEU A 55 -7.76 10.26 18.67
C LEU A 55 -6.94 8.96 18.57
N ASP A 56 -5.68 8.86 19.08
CA ASP A 56 -4.90 7.59 18.93
C ASP A 56 -4.59 6.88 20.27
N SER A 57 -5.17 7.33 21.37
CA SER A 57 -5.04 6.80 22.76
C SER A 57 -6.23 5.90 23.12
N TYR A 58 -6.30 4.70 22.62
CA TYR A 58 -7.47 3.81 22.79
C TYR A 58 -7.37 3.06 24.10
N ASP A 59 -8.50 2.96 24.78
CA ASP A 59 -8.64 2.16 25.99
C ASP A 59 -8.56 0.67 25.68
N ASN A 60 -8.75 0.30 24.42
CA ASN A 60 -8.89 -1.12 24.06
C ASN A 60 -7.82 -1.56 23.07
N ILE A 61 -6.70 -0.86 22.98
CA ILE A 61 -5.52 -1.29 22.18
C ILE A 61 -4.31 -1.36 23.12
N ARG A 62 -3.68 -2.53 23.19
CA ARG A 62 -2.42 -2.75 23.89
C ARG A 62 -1.35 -3.01 22.82
N VAL A 63 -0.16 -2.52 23.07
CA VAL A 63 0.99 -2.62 22.14
C VAL A 63 2.04 -3.51 22.79
N TYR A 64 2.54 -4.42 21.99
CA TYR A 64 3.59 -5.38 22.35
C TYR A 64 4.69 -5.34 21.33
N HIS A 65 5.89 -5.67 21.81
CA HIS A 65 7.06 -5.87 20.95
C HIS A 65 7.37 -7.36 20.89
N VAL A 66 7.73 -7.77 19.69
CA VAL A 66 8.22 -9.15 19.49
CA VAL A 66 8.16 -9.15 19.38
C VAL A 66 9.64 -9.09 18.98
N TRP A 67 10.36 -10.13 19.31
CA TRP A 67 11.77 -10.21 18.92
C TRP A 67 11.84 -10.26 17.41
N ASP A 68 12.67 -9.39 16.87
CA ASP A 68 12.84 -9.21 15.42
C ASP A 68 13.87 -10.20 14.88
N GLY A 69 14.46 -11.04 15.72
CA GLY A 69 15.36 -12.13 15.29
C GLY A 69 16.82 -11.73 15.18
N THR A 70 17.15 -10.45 15.44
CA THR A 70 18.54 -9.91 15.32
C THR A 70 19.30 -10.29 16.60
N PRO A 71 20.61 -10.61 16.54
CA PRO A 71 21.37 -10.93 17.76
C PRO A 71 21.44 -9.75 18.73
N GLN A 72 21.71 -10.01 20.03
CA GLN A 72 21.71 -8.93 21.04
C GLN A 72 22.74 -9.20 22.15
N PHE A 76 20.18 -1.21 13.12
CA PHE A 76 20.84 -2.54 12.96
C PHE A 76 22.13 -2.36 12.15
N THR A 77 23.18 -3.14 12.46
CA THR A 77 24.49 -3.12 11.74
C THR A 77 24.34 -3.71 10.33
N GLY A 78 23.63 -4.83 10.16
CA GLY A 78 23.40 -5.47 8.84
C GLY A 78 22.32 -4.74 8.04
N SER A 79 22.03 -5.24 6.84
CA SER A 79 21.12 -4.61 5.83
C SER A 79 19.63 -4.83 6.16
N HIS A 80 18.74 -4.02 5.55
CA HIS A 80 17.25 -4.25 5.57
C HIS A 80 16.96 -5.70 5.18
N PHE A 81 17.58 -6.17 4.09
CA PHE A 81 17.44 -7.53 3.52
C PHE A 81 17.73 -8.56 4.61
N GLU A 82 18.89 -8.38 5.28
CA GLU A 82 19.39 -9.30 6.35
C GLU A 82 18.35 -9.41 7.46
N ALA A 83 17.85 -8.21 7.88
CA ALA A 83 16.91 -8.05 9.00
C ALA A 83 15.64 -8.84 8.71
N VAL A 84 15.11 -8.71 7.50
CA VAL A 84 13.89 -9.46 7.08
C VAL A 84 14.09 -10.98 7.26
N GLY A 85 15.22 -11.50 6.80
CA GLY A 85 15.58 -12.96 6.97
C GLY A 85 15.65 -13.38 8.45
N LEU A 86 16.28 -12.60 9.30
CA LEU A 86 16.42 -12.97 10.71
C LEU A 86 15.03 -12.97 11.35
N PHE A 87 14.20 -12.01 10.96
CA PHE A 87 12.83 -11.87 11.51
C PHE A 87 12.06 -13.13 11.16
N LEU A 88 12.11 -13.53 9.91
CA LEU A 88 11.36 -14.73 9.49
C LEU A 88 11.93 -15.99 10.15
N LYS A 89 13.24 -16.06 10.38
CA LYS A 89 13.88 -17.25 11.02
C LYS A 89 13.38 -17.39 12.48
N ALA A 90 13.12 -16.28 13.17
CA ALA A 90 12.67 -16.26 14.59
C ALA A 90 11.17 -16.51 14.74
N SER A 91 10.44 -16.57 13.62
CA SER A 91 8.98 -16.72 13.53
C SER A 91 8.59 -18.17 13.33
N PRO A 92 7.50 -18.72 13.95
CA PRO A 92 6.53 -17.93 14.72
C PRO A 92 6.69 -17.90 16.26
N GLY A 93 7.75 -18.50 16.79
CA GLY A 93 7.95 -18.61 18.25
C GLY A 93 8.04 -17.25 18.91
N ASN A 94 8.61 -16.26 18.20
CA ASN A 94 8.70 -14.87 18.68
C ASN A 94 7.28 -14.35 19.01
N PHE A 95 6.35 -14.54 18.10
CA PHE A 95 4.97 -14.06 18.33
C PHE A 95 4.26 -14.94 19.36
N ASP A 96 4.45 -16.26 19.28
CA ASP A 96 3.73 -17.19 20.14
C ASP A 96 4.00 -16.86 21.59
N LYS A 97 5.25 -16.54 21.91
CA LYS A 97 5.61 -16.27 23.30
C LYS A 97 4.92 -15.00 23.77
N VAL A 98 4.83 -13.99 22.91
CA VAL A 98 4.22 -12.72 23.30
C VAL A 98 2.71 -12.83 23.34
N ILE A 99 2.11 -13.56 22.44
CA ILE A 99 0.66 -13.82 22.60
C ILE A 99 0.38 -14.45 23.96
N ASP A 100 1.12 -15.36 24.42
CA ASP A 100 0.86 -15.86 25.77
C ASP A 100 0.85 -14.70 26.79
N GLU A 101 1.86 -13.85 26.74
CA GLU A 101 1.95 -12.75 27.72
C GLU A 101 0.71 -11.86 27.63
N ALA A 102 0.26 -11.55 26.44
CA ALA A 102 -0.93 -10.70 26.36
C ALA A 102 -2.11 -11.40 26.99
N GLU A 103 -2.27 -12.71 26.76
CA GLU A 103 -3.42 -13.41 27.35
C GLU A 103 -3.31 -13.36 28.89
N VAL A 104 -2.11 -13.58 29.42
CA VAL A 104 -1.94 -13.59 30.91
C VAL A 104 -2.20 -12.18 31.46
N GLU A 105 -1.62 -11.15 30.80
CA GLU A 105 -1.76 -9.76 31.33
C GLU A 105 -3.22 -9.34 31.33
N THR A 106 -3.96 -9.69 30.28
CA THR A 106 -5.35 -9.22 30.13
C THR A 106 -6.33 -10.11 30.86
N GLY A 107 -5.95 -11.37 31.12
CA GLY A 107 -6.92 -12.34 31.61
C GLY A 107 -7.83 -12.93 30.53
N LEU A 108 -7.62 -12.60 29.25
CA LEU A 108 -8.50 -13.06 28.14
C LEU A 108 -7.68 -13.82 27.11
N LYS A 109 -7.99 -15.07 26.91
CA LYS A 109 -7.39 -15.79 25.75
C LYS A 109 -7.81 -15.03 24.49
N ILE A 110 -6.96 -15.06 23.52
CA ILE A 110 -7.26 -14.58 22.15
CA ILE A 110 -7.38 -14.46 22.23
C ILE A 110 -8.50 -15.31 21.64
N SER A 111 -9.39 -14.60 20.98
CA SER A 111 -10.55 -15.19 20.31
C SER A 111 -10.48 -15.15 18.81
N CYS A 112 -9.47 -14.48 18.27
CA CYS A 112 -9.33 -14.27 16.84
C CYS A 112 -7.90 -13.79 16.64
N LEU A 113 -7.27 -14.17 15.54
CA LEU A 113 -5.93 -13.67 15.18
C LEU A 113 -5.95 -13.01 13.80
N ILE A 114 -5.65 -11.74 13.75
CA ILE A 114 -5.47 -11.02 12.47
C ILE A 114 -3.99 -10.89 12.25
N THR A 115 -3.53 -11.19 11.04
CA THR A 115 -2.11 -10.97 10.73
C THR A 115 -2.00 -10.32 9.36
N ASP A 116 -0.89 -9.65 9.19
CA ASP A 116 -0.45 -9.38 7.81
C ASP A 116 -0.55 -10.68 7.03
N ALA A 117 -0.99 -10.62 5.79
CA ALA A 117 -1.11 -11.80 4.95
C ALA A 117 0.26 -12.46 4.72
N PHE A 118 1.34 -11.68 4.71
CA PHE A 118 2.68 -12.27 4.55
C PHE A 118 2.96 -13.30 5.64
N LEU A 119 2.39 -13.12 6.84
CA LEU A 119 2.69 -14.00 7.99
C LEU A 119 1.81 -15.25 7.88
N TRP A 120 2.19 -16.13 6.95
CA TRP A 120 1.47 -17.37 6.67
C TRP A 120 1.28 -18.20 7.94
N PHE A 121 2.27 -18.10 8.81
CA PHE A 121 2.25 -18.88 10.06
C PHE A 121 1.19 -18.35 11.00
N GLY A 122 0.53 -17.23 10.68
CA GLY A 122 -0.68 -16.86 11.43
C GLY A 122 -1.73 -17.96 11.36
N TYR A 123 -1.82 -18.65 10.24
CA TYR A 123 -2.76 -19.76 10.11
C TYR A 123 -2.41 -20.82 11.19
N ASP A 124 -1.14 -21.19 11.29
CA ASP A 124 -0.73 -22.26 12.24
C ASP A 124 -0.98 -21.80 13.67
N LEU A 125 -0.69 -20.54 14.00
CA LEU A 125 -0.90 -20.05 15.39
C LEU A 125 -2.41 -20.04 15.69
N ALA A 126 -3.23 -19.64 14.72
CA ALA A 126 -4.69 -19.59 14.96
C ALA A 126 -5.24 -20.99 15.08
N GLU A 127 -4.84 -21.89 14.18
CA GLU A 127 -5.29 -23.28 14.22
C GLU A 127 -4.93 -23.93 15.55
N LYS A 128 -3.72 -23.74 16.07
CA LYS A 128 -3.26 -24.35 17.33
C LYS A 128 -4.12 -23.83 18.47
N ARG A 129 -4.48 -22.55 18.44
CA ARG A 129 -5.25 -21.90 19.52
C ARG A 129 -6.75 -22.12 19.34
N GLY A 130 -7.17 -22.66 18.21
CA GLY A 130 -8.60 -22.83 17.91
C GLY A 130 -9.40 -21.54 17.77
N VAL A 131 -8.84 -20.57 17.05
CA VAL A 131 -9.42 -19.29 16.65
C VAL A 131 -9.34 -19.04 15.20
N PRO A 132 -10.23 -18.16 14.67
CA PRO A 132 -10.16 -17.78 13.26
C PRO A 132 -8.85 -17.02 13.00
N TRP A 133 -8.39 -17.18 11.75
CA TRP A 133 -7.30 -16.40 11.18
C TRP A 133 -7.84 -15.46 10.13
N LEU A 134 -7.63 -14.17 10.33
CA LEU A 134 -7.96 -13.15 9.33
C LEU A 134 -6.66 -12.58 8.79
N ALA A 135 -6.56 -12.50 7.47
CA ALA A 135 -5.32 -12.04 6.82
C ALA A 135 -5.55 -10.65 6.22
N PHE A 136 -4.67 -9.71 6.54
CA PHE A 136 -4.72 -8.36 5.98
C PHE A 136 -3.68 -8.26 4.87
N TRP A 137 -4.20 -8.11 3.66
CA TRP A 137 -3.34 -7.90 2.46
C TRP A 137 -3.09 -6.41 2.31
N THR A 138 -1.84 -6.00 2.14
CA THR A 138 -1.47 -4.58 2.20
C THR A 138 -1.44 -3.90 0.83
N SER A 139 -1.82 -4.57 -0.24
CA SER A 139 -1.86 -4.04 -1.63
C SER A 139 -3.28 -4.11 -2.21
N ALA A 140 -3.42 -3.99 -3.53
CA ALA A 140 -4.73 -4.00 -4.16
C ALA A 140 -5.10 -5.43 -4.54
N GLN A 141 -6.33 -5.63 -4.96
CA GLN A 141 -6.85 -6.93 -5.40
C GLN A 141 -5.99 -7.47 -6.54
N CYS A 142 -5.57 -6.62 -7.46
CA CYS A 142 -4.88 -7.11 -8.66
C CYS A 142 -3.60 -7.87 -8.24
N ALA A 143 -2.84 -7.31 -7.31
CA ALA A 143 -1.57 -7.92 -6.84
C ALA A 143 -1.89 -9.25 -6.13
N LEU A 144 -2.89 -9.29 -5.29
CA LEU A 144 -3.25 -10.52 -4.59
C LEU A 144 -3.63 -11.58 -5.61
N SER A 145 -4.46 -11.24 -6.60
CA SER A 145 -4.87 -12.21 -7.64
C SER A 145 -3.64 -12.76 -8.33
N ALA A 146 -2.70 -11.92 -8.72
CA ALA A 146 -1.46 -12.41 -9.39
C ALA A 146 -0.82 -13.49 -8.52
N HIS A 147 -0.64 -13.20 -7.25
CA HIS A 147 0.00 -14.19 -6.34
C HIS A 147 -0.85 -15.45 -6.23
N MET A 148 -2.15 -15.33 -6.16
CA MET A 148 -3.04 -16.51 -5.95
C MET A 148 -2.98 -17.45 -7.15
N TYR A 149 -2.60 -16.98 -8.31
CA TYR A 149 -2.53 -17.83 -9.52
C TYR A 149 -1.10 -18.35 -9.69
N THR A 150 -0.22 -18.19 -8.71
CA THR A 150 1.18 -18.65 -8.81
C THR A 150 1.25 -20.12 -9.22
N HIS A 151 0.51 -21.01 -8.56
CA HIS A 151 0.60 -22.45 -8.89
C HIS A 151 0.25 -22.65 -10.38
N GLU A 152 -0.86 -22.07 -10.83
CA GLU A 152 -1.37 -22.29 -12.20
C GLU A 152 -0.41 -21.66 -13.21
N ILE A 153 0.17 -20.53 -12.89
CA ILE A 153 1.14 -19.89 -13.80
C ILE A 153 2.34 -20.80 -13.93
N LEU A 154 2.92 -21.27 -12.83
CA LEU A 154 4.17 -22.06 -12.90
C LEU A 154 3.86 -23.41 -13.56
N LYS A 155 2.69 -23.94 -13.34
CA LYS A 155 2.29 -25.25 -13.92
C LYS A 155 2.22 -25.11 -15.45
N ALA A 156 1.75 -23.97 -15.93
CA ALA A 156 1.51 -23.69 -17.36
C ALA A 156 2.83 -23.43 -18.05
N VAL A 157 3.75 -22.66 -17.50
CA VAL A 157 4.94 -22.18 -18.25
C VAL A 157 6.25 -22.45 -17.56
N GLY A 158 6.26 -23.00 -16.33
CA GLY A 158 7.51 -23.23 -15.60
C GLY A 158 8.12 -21.93 -15.12
N SER A 159 9.36 -21.97 -14.63
CA SER A 159 9.96 -20.79 -13.97
C SER A 159 10.85 -20.00 -14.95
N ASN A 160 11.69 -20.76 -15.65
CA ASN A 160 12.74 -20.32 -16.62
C ASN A 160 12.05 -19.64 -17.80
N THR A 165 5.28 -16.70 -26.79
CA THR A 165 4.02 -17.50 -26.78
C THR A 165 3.32 -17.41 -25.41
N ALA A 166 3.99 -17.79 -24.30
CA ALA A 166 3.47 -17.61 -22.92
C ALA A 166 3.20 -16.11 -22.63
N GLU A 167 4.16 -15.25 -23.00
CA GLU A 167 4.05 -13.77 -22.81
C GLU A 167 2.88 -13.35 -23.72
N GLU A 168 1.95 -12.59 -23.13
CA GLU A 168 0.71 -12.07 -23.77
C GLU A 168 -0.16 -13.21 -24.35
N GLU A 169 -0.16 -14.44 -23.80
CA GLU A 169 -1.22 -15.45 -24.10
C GLU A 169 -1.72 -16.03 -22.77
N LEU A 170 -0.81 -16.41 -21.86
CA LEU A 170 -1.23 -17.20 -20.66
C LEU A 170 -2.11 -16.32 -19.76
N ILE A 171 -1.67 -15.12 -19.41
CA ILE A 171 -2.43 -14.36 -18.39
C ILE A 171 -3.82 -14.08 -18.93
N GLN A 172 -3.97 -13.73 -20.19
CA GLN A 172 -5.30 -13.34 -20.73
C GLN A 172 -6.22 -14.57 -20.73
N SER A 173 -5.68 -15.79 -20.75
CA SER A 173 -6.49 -17.04 -20.75
C SER A 173 -6.76 -17.49 -19.32
N LEU A 174 -6.03 -16.99 -18.33
CA LEU A 174 -6.01 -17.61 -16.98
C LEU A 174 -6.65 -16.71 -15.93
N ILE A 175 -6.30 -15.42 -15.89
CA ILE A 175 -6.58 -14.57 -14.69
C ILE A 175 -7.68 -13.59 -15.02
N PRO A 176 -8.91 -13.79 -14.50
CA PRO A 176 -10.00 -12.84 -14.72
C PRO A 176 -9.59 -11.45 -14.28
N GLY A 177 -9.80 -10.45 -15.14
CA GLY A 177 -9.55 -9.04 -14.82
C GLY A 177 -8.10 -8.62 -15.00
N LEU A 178 -7.18 -9.55 -15.31
CA LEU A 178 -5.76 -9.18 -15.57
C LEU A 178 -5.35 -9.40 -17.02
N GLU A 179 -6.30 -9.38 -17.96
CA GLU A 179 -6.00 -9.71 -19.38
C GLU A 179 -5.05 -8.67 -19.99
N MET A 180 -4.95 -7.47 -19.39
CA MET A 180 -4.11 -6.37 -19.91
C MET A 180 -2.67 -6.50 -19.37
N ALA A 181 -2.43 -7.44 -18.42
CA ALA A 181 -1.11 -7.62 -17.77
C ALA A 181 -0.30 -8.63 -18.57
N HIS A 182 0.99 -8.39 -18.58
CA HIS A 182 1.99 -9.28 -19.19
C HIS A 182 2.61 -10.12 -18.07
N LEU A 183 3.09 -11.35 -18.35
CA LEU A 183 3.89 -12.11 -17.35
C LEU A 183 4.96 -11.22 -16.70
N SER A 184 5.63 -10.36 -17.45
CA SER A 184 6.73 -9.49 -16.94
C SER A 184 6.20 -8.35 -16.04
N ASP A 185 4.90 -8.09 -16.01
CA ASP A 185 4.30 -7.14 -15.03
C ASP A 185 4.11 -7.77 -13.66
N LEU A 186 4.06 -9.08 -13.57
CA LEU A 186 3.62 -9.72 -12.34
C LEU A 186 4.70 -9.58 -11.29
N PRO A 187 4.33 -9.63 -10.00
CA PRO A 187 5.33 -9.61 -8.93
C PRO A 187 6.39 -10.67 -9.17
N PRO A 188 7.66 -10.27 -9.23
CA PRO A 188 8.70 -11.21 -9.62
C PRO A 188 8.83 -12.44 -8.70
N GLU A 189 8.45 -12.34 -7.42
CA GLU A 189 8.53 -13.47 -6.43
CA GLU A 189 8.45 -13.44 -6.40
C GLU A 189 7.73 -14.68 -6.96
N ILE A 190 6.77 -14.48 -7.87
CA ILE A 190 6.00 -15.61 -8.45
C ILE A 190 6.99 -16.60 -9.08
N PHE A 191 8.03 -16.09 -9.74
CA PHE A 191 8.99 -16.91 -10.55
C PHE A 191 10.30 -17.24 -9.79
N PHE A 192 10.44 -16.87 -8.54
CA PHE A 192 11.70 -17.11 -7.76
C PHE A 192 11.61 -18.39 -6.95
N ASP A 193 11.95 -19.57 -7.58
CA ASP A 193 11.61 -20.91 -6.92
C ASP A 193 12.82 -21.83 -6.75
N LYS A 194 14.06 -21.11 -7.33
CA LYS A 194 15.46 -21.65 -7.23
C LYS A 194 16.16 -20.98 -6.05
N ASN A 195 16.34 -21.74 -4.95
CA ASN A 195 17.02 -21.28 -3.71
C ASN A 195 16.40 -19.93 -3.43
N PRO A 196 15.07 -19.91 -3.29
CA PRO A 196 14.37 -18.68 -2.96
C PRO A 196 14.91 -18.10 -1.66
N ASN A 197 14.93 -16.78 -1.62
CA ASN A 197 15.27 -15.96 -0.44
C ASN A 197 14.10 -16.07 0.55
N PRO A 198 14.36 -15.71 1.82
CA PRO A 198 13.34 -15.89 2.84
C PRO A 198 12.01 -15.22 2.50
N LEU A 199 12.04 -14.00 1.91
CA LEU A 199 10.78 -13.27 1.62
C LEU A 199 9.99 -14.01 0.52
N ALA A 200 10.68 -14.50 -0.51
CA ALA A 200 10.01 -15.26 -1.58
C ALA A 200 9.36 -16.51 -0.99
N ILE A 201 10.06 -17.19 -0.08
CA ILE A 201 9.54 -18.40 0.61
C ILE A 201 8.27 -18.00 1.34
N THR A 202 8.34 -16.90 2.08
CA THR A 202 7.20 -16.47 2.93
C THR A 202 5.96 -16.18 2.09
N ILE A 203 6.14 -15.45 1.00
CA ILE A 203 5.04 -15.07 0.09
C ILE A 203 4.44 -16.32 -0.58
N ASN A 204 5.26 -17.30 -0.93
CA ASN A 204 4.70 -18.52 -1.58
C ASN A 204 3.97 -19.39 -0.52
N LYS A 205 4.41 -19.39 0.75
CA LYS A 205 3.67 -20.11 1.80
C LYS A 205 2.35 -19.36 2.13
N MET A 206 2.34 -18.03 2.05
CA MET A 206 1.12 -17.25 2.17
C MET A 206 0.08 -17.75 1.18
N VAL A 207 0.48 -17.92 -0.08
CA VAL A 207 -0.48 -18.31 -1.12
C VAL A 207 -1.12 -19.64 -0.73
N LEU A 208 -0.31 -20.58 -0.25
CA LEU A 208 -0.82 -21.90 0.12
C LEU A 208 -1.78 -21.83 1.30
N LYS A 209 -1.57 -20.88 2.23
CA LYS A 209 -2.40 -20.82 3.45
C LYS A 209 -3.65 -19.95 3.28
N LEU A 210 -3.61 -18.91 2.45
CA LEU A 210 -4.71 -17.93 2.43
C LEU A 210 -6.08 -18.56 2.21
N PRO A 211 -6.24 -19.67 1.42
CA PRO A 211 -7.58 -20.27 1.30
C PRO A 211 -8.18 -20.82 2.60
N LYS A 212 -7.37 -20.94 3.64
CA LYS A 212 -7.80 -21.38 4.98
C LYS A 212 -7.97 -20.20 5.91
N SER A 213 -7.93 -18.99 5.39
CA SER A 213 -8.31 -17.80 6.17
C SER A 213 -9.82 -17.75 6.35
N THR A 214 -10.26 -17.31 7.51
CA THR A 214 -11.67 -17.00 7.73
C THR A 214 -12.07 -15.70 6.99
N ALA A 215 -11.15 -14.77 6.82
CA ALA A 215 -11.40 -13.58 5.97
C ALA A 215 -10.07 -13.06 5.50
N VAL A 216 -10.08 -12.57 4.26
CA VAL A 216 -9.00 -11.73 3.71
C VAL A 216 -9.54 -10.31 3.69
N ILE A 217 -8.73 -9.39 4.21
CA ILE A 217 -9.15 -7.97 4.39
C ILE A 217 -8.16 -7.15 3.56
N LEU A 218 -8.63 -6.12 2.84
CA LEU A 218 -7.85 -5.22 1.92
CA LEU A 218 -7.67 -5.19 2.22
C LEU A 218 -8.20 -3.77 2.25
N ASN A 219 -7.20 -2.90 2.22
CA ASN A 219 -7.43 -1.44 2.15
C ASN A 219 -7.56 -1.10 0.64
N SER A 220 -8.65 -1.53 0.06
CA SER A 220 -9.07 -1.22 -1.32
C SER A 220 -10.59 -1.15 -1.34
N PHE A 221 -11.13 -0.91 -2.51
CA PHE A 221 -12.58 -0.90 -2.72
C PHE A 221 -12.87 -1.83 -3.88
N GLU A 222 -14.00 -2.51 -3.79
CA GLU A 222 -14.39 -3.52 -4.77
C GLU A 222 -14.40 -2.94 -6.18
N GLU A 223 -14.89 -1.72 -6.29
CA GLU A 223 -15.24 -1.14 -7.59
C GLU A 223 -13.99 -0.72 -8.38
N ILE A 224 -12.80 -0.73 -7.78
CA ILE A 224 -11.59 -0.47 -8.60
C ILE A 224 -11.37 -1.60 -9.62
N ASP A 225 -11.82 -2.81 -9.31
CA ASP A 225 -11.65 -3.99 -10.16
C ASP A 225 -12.75 -4.97 -9.85
N PRO A 226 -13.95 -4.74 -10.36
CA PRO A 226 -15.08 -5.61 -10.04
C PRO A 226 -14.83 -7.09 -10.38
N ILE A 227 -14.22 -7.35 -11.55
CA ILE A 227 -14.09 -8.75 -12.04
C ILE A 227 -13.08 -9.47 -11.15
N ILE A 228 -11.98 -8.80 -10.79
CA ILE A 228 -10.98 -9.41 -9.87
C ILE A 228 -11.63 -9.66 -8.52
N THR A 229 -12.39 -8.69 -8.03
CA THR A 229 -13.08 -8.85 -6.75
C THR A 229 -14.00 -10.07 -6.80
N THR A 230 -14.83 -10.20 -7.82
CA THR A 230 -15.73 -11.38 -7.93
C THR A 230 -14.92 -12.67 -7.94
N ASP A 231 -13.82 -12.70 -8.67
CA ASP A 231 -12.95 -13.91 -8.75
C ASP A 231 -12.44 -14.25 -7.34
N LEU A 232 -11.92 -13.26 -6.63
CA LEU A 232 -11.28 -13.55 -5.34
C LEU A 232 -12.38 -13.90 -4.33
N LYS A 233 -13.57 -13.36 -4.47
CA LYS A 233 -14.69 -13.82 -3.61
C LYS A 233 -14.93 -15.32 -3.78
N SER A 234 -14.63 -15.89 -4.96
CA SER A 234 -14.86 -17.33 -5.22
C SER A 234 -13.73 -18.19 -4.62
N LYS A 235 -12.62 -17.60 -4.18
CA LYS A 235 -11.37 -18.29 -3.80
C LYS A 235 -11.30 -18.26 -2.27
N PHE A 236 -12.00 -17.32 -1.61
CA PHE A 236 -11.83 -17.06 -0.18
C PHE A 236 -13.17 -17.18 0.52
N HIS A 237 -13.12 -17.57 1.80
CA HIS A 237 -14.37 -17.63 2.61
C HIS A 237 -15.04 -16.27 2.72
N HIS A 238 -14.25 -15.26 3.03
CA HIS A 238 -14.73 -13.85 3.02
C HIS A 238 -13.63 -12.99 2.43
N PHE A 239 -13.97 -12.22 1.44
CA PHE A 239 -13.03 -11.33 0.78
C PHE A 239 -13.58 -9.91 1.00
N LEU A 240 -12.92 -9.16 1.88
CA LEU A 240 -13.47 -7.90 2.43
C LEU A 240 -12.60 -6.68 2.13
N ASN A 241 -12.95 -6.01 1.03
CA ASN A 241 -12.42 -4.68 0.76
C ASN A 241 -13.08 -3.69 1.72
N ILE A 242 -12.29 -2.99 2.52
CA ILE A 242 -12.85 -2.11 3.57
C ILE A 242 -12.33 -0.69 3.42
N GLY A 243 -11.67 -0.39 2.29
CA GLY A 243 -11.06 0.94 2.18
C GLY A 243 -11.73 1.81 1.15
N PRO A 244 -11.15 2.97 0.84
CA PRO A 244 -9.89 3.43 1.42
C PRO A 244 -10.02 3.91 2.87
N SER A 245 -9.13 3.47 3.73
CA SER A 245 -9.14 3.87 5.16
C SER A 245 -9.08 5.41 5.27
N ILE A 246 -8.32 6.07 4.41
CA ILE A 246 -8.15 7.54 4.52
C ILE A 246 -9.50 8.25 4.29
N LEU A 247 -10.43 7.64 3.55
CA LEU A 247 -11.75 8.24 3.39
C LEU A 247 -12.71 7.75 4.50
N SER A 248 -12.64 6.53 4.91
CA SER A 248 -13.58 6.03 5.93
C SER A 248 -13.32 6.76 7.25
N SER A 249 -12.06 7.03 7.52
CA SER A 249 -11.57 7.45 8.84
CA SER A 249 -11.63 7.51 8.86
C SER A 249 -10.57 8.59 8.68
N PRO A 250 -11.02 9.83 8.35
CA PRO A 250 -10.11 10.92 8.21
C PRO A 250 -9.42 11.31 9.52
N THR A 251 -8.33 12.03 9.36
CA THR A 251 -7.46 12.58 10.43
C THR A 251 -7.71 14.07 10.47
N PRO A 252 -7.87 14.70 11.66
CA PRO A 252 -8.07 16.15 11.69
C PRO A 252 -6.80 16.80 11.16
N PRO A 253 -6.96 17.93 10.43
CA PRO A 253 -5.80 18.69 9.93
C PRO A 253 -4.99 19.08 11.15
N PRO A 254 -3.68 18.73 11.23
CA PRO A 254 -2.77 19.32 12.21
C PRO A 254 -2.77 20.85 12.16
N PRO A 255 -2.76 21.52 13.33
CA PRO A 255 -2.84 22.99 13.36
C PRO A 255 -1.71 23.65 12.54
N ASP A 256 -0.62 22.92 12.25
CA ASP A 256 0.52 23.47 11.48
C ASP A 256 1.07 22.43 10.48
N ASP A 257 2.02 22.86 9.64
CA ASP A 257 2.76 21.97 8.72
C ASP A 257 4.21 22.47 8.68
N LYS A 258 5.03 21.93 9.57
CA LYS A 258 6.42 22.41 9.80
C LYS A 258 7.26 22.23 8.54
N THR A 259 6.77 21.50 7.52
CA THR A 259 7.56 21.25 6.26
C THR A 259 7.50 22.48 5.36
N GLY A 260 6.51 23.35 5.54
CA GLY A 260 6.32 24.48 4.60
C GLY A 260 5.58 24.11 3.31
N CYS A 261 5.30 22.84 3.07
CA CYS A 261 4.74 22.43 1.77
C CYS A 261 3.38 23.10 1.52
N LEU A 262 2.48 23.06 2.52
CA LEU A 262 1.09 23.48 2.31
C LEU A 262 1.04 25.01 2.15
N ALA A 263 1.88 25.77 2.87
CA ALA A 263 1.98 27.23 2.67
C ALA A 263 2.46 27.49 1.24
N TRP A 264 3.40 26.70 0.75
CA TRP A 264 3.90 26.88 -0.62
C TRP A 264 2.82 26.58 -1.66
N LEU A 265 2.06 25.52 -1.48
CA LEU A 265 0.96 25.16 -2.37
C LEU A 265 -0.13 26.24 -2.31
N ASP A 266 -0.32 26.85 -1.14
CA ASP A 266 -1.35 27.93 -0.97
C ASP A 266 -1.00 29.16 -1.82
N SER A 267 0.28 29.35 -2.16
CA SER A 267 0.81 30.50 -2.92
C SER A 267 0.66 30.27 -4.43
N GLN A 268 0.19 29.09 -4.83
CA GLN A 268 0.04 28.78 -6.27
C GLN A 268 -1.25 29.40 -6.77
N THR A 269 -1.21 30.02 -7.94
CA THR A 269 -2.36 30.77 -8.47
C THR A 269 -3.17 30.01 -9.51
N ARG A 270 -2.73 28.83 -9.93
CA ARG A 270 -3.46 28.05 -10.92
C ARG A 270 -3.88 26.72 -10.30
N PRO A 271 -5.16 26.35 -10.33
CA PRO A 271 -5.58 25.01 -9.89
C PRO A 271 -4.94 23.96 -10.80
N LYS A 272 -4.67 22.83 -10.21
CA LYS A 272 -4.23 21.62 -10.96
C LYS A 272 -3.01 21.91 -11.83
N SER A 273 -2.09 22.74 -11.34
CA SER A 273 -0.90 23.16 -12.11
C SER A 273 0.39 22.49 -11.62
N VAL A 274 0.40 22.02 -10.35
CA VAL A 274 1.65 21.58 -9.69
C VAL A 274 1.90 20.10 -9.98
N VAL A 275 3.14 19.80 -10.32
CA VAL A 275 3.63 18.43 -10.47
C VAL A 275 4.19 18.00 -9.12
N TYR A 276 3.52 17.05 -8.45
CA TYR A 276 4.06 16.48 -7.20
C TYR A 276 4.83 15.19 -7.52
N ILE A 277 6.04 15.12 -7.00
CA ILE A 277 7.00 14.02 -7.32
C ILE A 277 7.41 13.35 -6.02
N SER A 278 7.13 12.06 -5.92
CA SER A 278 7.68 11.25 -4.82
C SER A 278 7.88 9.80 -5.31
N PHE A 279 9.02 9.21 -4.95
CA PHE A 279 9.28 7.78 -5.21
C PHE A 279 9.18 6.94 -3.94
N GLY A 280 8.47 7.40 -2.93
CA GLY A 280 8.30 6.58 -1.70
C GLY A 280 9.36 6.90 -0.68
N THR A 281 9.48 6.06 0.33
CA THR A 281 10.31 6.32 1.53
C THR A 281 11.74 5.79 1.29
N VAL A 282 11.94 4.95 0.27
CA VAL A 282 13.18 4.12 0.15
C VAL A 282 13.92 4.35 -1.17
N ILE A 283 13.23 4.32 -2.29
CA ILE A 283 13.89 4.40 -3.62
C ILE A 283 14.33 5.84 -3.90
N THR A 284 15.54 5.96 -4.41
CA THR A 284 15.89 7.19 -5.14
C THR A 284 16.25 6.76 -6.55
N PRO A 285 15.66 7.38 -7.59
CA PRO A 285 16.09 7.08 -8.94
C PRO A 285 17.56 7.44 -9.06
N PRO A 286 18.24 6.82 -10.02
CA PRO A 286 19.61 7.20 -10.25
C PRO A 286 19.79 8.66 -10.69
N GLU A 287 20.90 9.23 -10.25
CA GLU A 287 21.18 10.70 -10.27
C GLU A 287 21.28 11.28 -11.74
N ASN A 288 21.36 10.34 -12.75
CA ASN A 288 21.23 10.80 -14.17
C ASN A 288 19.75 10.93 -14.56
N GLU A 289 18.88 10.15 -13.93
CA GLU A 289 17.41 10.16 -14.16
C GLU A 289 16.82 11.36 -13.44
N LEU A 290 17.31 11.64 -12.24
CA LEU A 290 16.98 12.88 -11.48
C LEU A 290 17.38 14.09 -12.30
N ALA A 291 18.55 14.03 -12.92
CA ALA A 291 18.99 15.14 -13.77
C ALA A 291 18.02 15.34 -14.94
N ALA A 292 17.60 14.24 -15.56
CA ALA A 292 16.77 14.29 -16.80
C ALA A 292 15.43 14.87 -16.36
N LEU A 293 14.94 14.44 -15.23
CA LEU A 293 13.66 14.98 -14.71
C LEU A 293 13.83 16.49 -14.48
N SER A 294 14.91 16.93 -13.84
CA SER A 294 15.16 18.34 -13.48
C SER A 294 15.13 19.18 -14.77
N GLU A 295 15.62 18.60 -15.86
CA GLU A 295 15.69 19.33 -17.16
C GLU A 295 14.25 19.44 -17.69
N ALA A 296 13.48 18.37 -17.57
CA ALA A 296 12.09 18.40 -18.06
C ALA A 296 11.30 19.44 -17.27
N LEU A 297 11.52 19.54 -15.97
CA LEU A 297 10.76 20.50 -15.12
C LEU A 297 11.10 21.92 -15.54
N GLU A 298 12.38 22.19 -15.77
CA GLU A 298 12.81 23.56 -16.15
C GLU A 298 12.22 23.91 -17.49
N THR A 299 12.23 22.96 -18.42
CA THR A 299 11.69 23.12 -19.80
C THR A 299 10.18 23.39 -19.80
N CYS A 300 9.42 22.63 -19.03
CA CYS A 300 7.94 22.63 -19.08
C CYS A 300 7.40 23.80 -18.23
N ASN A 301 8.15 24.26 -17.25
CA ASN A 301 7.81 25.44 -16.43
C ASN A 301 6.50 25.14 -15.69
N TYR A 302 6.11 23.87 -15.43
CA TYR A 302 5.08 23.61 -14.39
C TYR A 302 5.74 23.84 -13.02
N PRO A 303 5.01 24.42 -12.07
CA PRO A 303 5.51 24.45 -10.70
C PRO A 303 5.55 23.01 -10.18
N PHE A 304 6.46 22.76 -9.27
CA PHE A 304 6.64 21.38 -8.77
C PHE A 304 6.95 21.37 -7.28
N LEU A 305 6.54 20.25 -6.67
CA LEU A 305 6.84 20.00 -5.26
C LEU A 305 7.39 18.55 -5.22
N TRP A 306 8.65 18.45 -4.82
CA TRP A 306 9.40 17.17 -4.98
C TRP A 306 9.92 16.72 -3.63
N SER A 307 9.48 15.53 -3.24
CA SER A 307 9.98 14.82 -2.04
C SER A 307 11.24 14.06 -2.46
N LEU A 308 12.38 14.59 -2.06
CA LEU A 308 13.70 14.03 -2.45
C LEU A 308 14.67 14.23 -1.29
N ASN A 309 15.47 13.21 -0.97
CA ASN A 309 16.39 13.37 0.19
C ASN A 309 17.49 14.38 -0.12
N ASP A 310 17.99 15.03 0.94
CA ASP A 310 18.91 16.18 0.83
C ASP A 310 20.17 15.75 0.08
N ARG A 311 20.69 14.53 0.24
CA ARG A 311 21.91 14.14 -0.54
C ARG A 311 21.61 14.29 -2.05
N ALA A 312 20.54 13.54 -2.44
CA ALA A 312 20.20 13.43 -3.85
C ALA A 312 20.02 14.85 -4.35
N LYS A 313 19.35 15.74 -3.55
CA LYS A 313 19.10 17.15 -3.97
C LYS A 313 20.45 17.81 -4.22
N LYS A 314 21.44 17.58 -3.37
CA LYS A 314 22.75 18.31 -3.44
C LYS A 314 23.50 17.92 -4.70
N SER A 315 23.11 16.79 -5.30
CA SER A 315 23.77 16.19 -6.48
C SER A 315 23.02 16.56 -7.76
N LEU A 316 21.91 17.32 -7.65
CA LEU A 316 21.23 17.76 -8.90
C LEU A 316 22.12 18.69 -9.70
N PRO A 317 21.85 18.90 -11.02
CA PRO A 317 22.71 19.75 -11.84
C PRO A 317 22.92 21.15 -11.26
N THR A 318 24.18 21.62 -11.44
CA THR A 318 24.67 22.96 -11.11
C THR A 318 23.63 24.01 -11.50
N GLY A 319 23.19 24.79 -10.52
CA GLY A 319 22.37 25.97 -10.81
C GLY A 319 20.93 25.61 -11.04
N PHE A 320 20.57 24.33 -11.25
CA PHE A 320 19.14 23.90 -11.22
C PHE A 320 18.45 24.46 -9.97
N LEU A 321 18.89 24.18 -8.75
CA LEU A 321 18.21 24.67 -7.52
C LEU A 321 18.09 26.21 -7.51
N ASP A 322 19.13 26.92 -7.93
CA ASP A 322 19.06 28.41 -7.90
C ASP A 322 18.07 28.92 -8.94
N ARG A 323 18.11 28.35 -10.15
CA ARG A 323 17.22 28.78 -11.26
C ARG A 323 15.75 28.48 -10.96
N THR A 324 15.45 27.44 -10.17
CA THR A 324 14.05 26.99 -9.96
C THR A 324 13.54 27.35 -8.58
N LYS A 325 14.28 28.18 -7.86
CA LYS A 325 13.94 28.67 -6.51
C LYS A 325 12.50 29.19 -6.51
N GLU A 326 12.08 29.86 -7.58
CA GLU A 326 10.74 30.52 -7.60
C GLU A 326 9.71 29.65 -8.31
N LEU A 327 10.11 28.52 -8.85
CA LEU A 327 9.22 27.59 -9.61
C LEU A 327 8.88 26.36 -8.76
N GLY A 328 9.84 25.77 -8.08
CA GLY A 328 9.62 24.50 -7.38
C GLY A 328 10.15 24.50 -5.97
N MET A 329 9.63 23.56 -5.19
CA MET A 329 10.05 23.36 -3.80
C MET A 329 10.47 21.89 -3.67
N ILE A 330 11.66 21.68 -3.11
CA ILE A 330 12.20 20.32 -2.87
C ILE A 330 12.39 20.15 -1.37
N VAL A 331 11.79 19.10 -0.82
CA VAL A 331 11.79 18.84 0.65
C VAL A 331 12.19 17.38 0.83
N PRO A 332 12.79 17.02 1.97
CA PRO A 332 13.16 15.62 2.20
C PRO A 332 11.94 14.73 2.54
N TRP A 333 10.83 15.36 2.90
CA TRP A 333 9.58 14.66 3.28
C TRP A 333 8.40 15.62 3.13
N ALA A 334 7.34 15.13 2.50
CA ALA A 334 6.08 15.88 2.31
C ALA A 334 4.96 15.20 3.04
N PRO A 335 3.99 15.98 3.55
CA PRO A 335 2.76 15.41 4.12
C PRO A 335 1.88 14.98 2.95
N GLN A 336 2.20 13.82 2.37
CA GLN A 336 1.75 13.49 0.98
C GLN A 336 0.24 13.52 0.88
N PRO A 337 -0.55 12.87 1.76
CA PRO A 337 -2.01 12.95 1.59
C PRO A 337 -2.54 14.39 1.54
N ARG A 338 -2.00 15.25 2.42
CA ARG A 338 -2.43 16.68 2.48
C ARG A 338 -2.03 17.39 1.18
N VAL A 339 -0.87 17.08 0.65
CA VAL A 339 -0.41 17.63 -0.63
C VAL A 339 -1.36 17.20 -1.75
N LEU A 340 -1.66 15.92 -1.87
CA LEU A 340 -2.48 15.44 -2.97
C LEU A 340 -3.88 16.03 -2.90
N ALA A 341 -4.38 16.36 -1.70
CA ALA A 341 -5.72 16.93 -1.48
C ALA A 341 -5.73 18.43 -1.88
N HIS A 342 -4.58 19.04 -2.12
CA HIS A 342 -4.52 20.49 -2.39
C HIS A 342 -4.99 20.81 -3.81
N ARG A 343 -5.80 21.86 -3.91
CA ARG A 343 -6.42 22.21 -5.20
C ARG A 343 -5.36 22.52 -6.26
N SER A 344 -4.16 22.91 -5.86
CA SER A 344 -3.14 23.31 -6.85
C SER A 344 -2.47 22.10 -7.50
N VAL A 345 -2.63 20.87 -7.00
CA VAL A 345 -1.87 19.71 -7.54
C VAL A 345 -2.57 19.14 -8.76
N GLY A 346 -1.80 19.03 -9.87
CA GLY A 346 -2.36 18.50 -11.12
C GLY A 346 -1.92 17.12 -11.49
N VAL A 347 -0.79 16.65 -10.98
CA VAL A 347 -0.32 15.30 -11.43
C VAL A 347 0.68 14.83 -10.39
N PHE A 348 0.78 13.53 -10.27
CA PHE A 348 1.68 12.87 -9.30
C PHE A 348 2.60 11.91 -10.04
N VAL A 349 3.88 12.23 -10.08
CA VAL A 349 4.95 11.34 -10.58
C VAL A 349 5.36 10.41 -9.42
N THR A 350 5.03 9.13 -9.62
CA THR A 350 5.00 8.11 -8.54
C THR A 350 5.86 6.90 -8.90
N HIS A 351 6.31 6.22 -7.86
CA HIS A 351 6.90 4.86 -8.00
C HIS A 351 5.83 3.75 -8.00
N CYS A 352 4.55 4.08 -7.87
CA CYS A 352 3.41 3.16 -8.04
C CYS A 352 3.28 2.21 -6.85
N GLY A 353 3.70 2.64 -5.69
CA GLY A 353 3.30 1.98 -4.45
C GLY A 353 1.80 2.08 -4.28
N TRP A 354 1.18 1.05 -3.73
CA TRP A 354 -0.29 1.04 -3.59
C TRP A 354 -0.77 2.21 -2.72
N ASN A 355 -0.16 2.50 -1.59
CA ASN A 355 -0.70 3.55 -0.71
C ASN A 355 -0.66 4.88 -1.48
N SER A 356 0.40 5.13 -2.22
CA SER A 356 0.52 6.37 -2.99
C SER A 356 -0.58 6.42 -4.06
N ILE A 357 -0.81 5.36 -4.82
CA ILE A 357 -1.87 5.32 -5.82
C ILE A 357 -3.21 5.57 -5.15
N LEU A 358 -3.46 4.94 -4.05
CA LEU A 358 -4.79 5.05 -3.41
C LEU A 358 -4.96 6.46 -2.92
N GLU A 359 -3.93 7.06 -2.35
CA GLU A 359 -4.01 8.48 -1.90
C GLU A 359 -4.37 9.36 -3.10
N SER A 360 -3.74 9.09 -4.23
CA SER A 360 -3.95 9.87 -5.44
C SER A 360 -5.42 9.75 -5.91
N ILE A 361 -5.96 8.54 -5.90
CA ILE A 361 -7.34 8.29 -6.32
C ILE A 361 -8.26 9.09 -5.40
N CYS A 362 -7.98 9.05 -4.12
CA CYS A 362 -8.82 9.69 -3.10
C CYS A 362 -8.83 11.20 -3.21
N SER A 363 -7.92 11.78 -3.99
CA SER A 363 -7.86 13.23 -4.24
C SER A 363 -8.09 13.59 -5.70
N GLY A 364 -8.36 12.61 -6.54
CA GLY A 364 -8.56 12.84 -7.98
C GLY A 364 -7.36 13.39 -8.68
N VAL A 365 -6.20 12.92 -8.35
CA VAL A 365 -4.93 13.34 -9.02
C VAL A 365 -4.46 12.22 -9.94
N PRO A 366 -4.31 12.51 -11.25
CA PRO A 366 -3.79 11.53 -12.19
C PRO A 366 -2.28 11.32 -11.97
N LEU A 367 -1.80 10.20 -12.55
CA LEU A 367 -0.46 9.67 -12.23
C LEU A 367 0.43 9.61 -13.46
N ILE A 368 1.72 9.85 -13.23
CA ILE A 368 2.78 9.47 -14.18
C ILE A 368 3.62 8.41 -13.44
N CYS A 369 3.72 7.23 -14.04
CA CYS A 369 4.23 6.01 -13.36
C CYS A 369 5.70 5.74 -13.71
N ARG A 370 6.56 5.66 -12.69
CA ARG A 370 7.98 5.22 -12.81
C ARG A 370 8.21 4.08 -11.83
N PRO A 371 7.67 2.87 -12.10
CA PRO A 371 7.85 1.79 -11.13
C PRO A 371 9.27 1.24 -11.18
N PHE A 372 9.72 0.79 -10.03
CA PHE A 372 10.99 0.05 -9.88
C PHE A 372 10.71 -1.44 -9.70
N PHE A 373 11.78 -2.21 -9.64
CA PHE A 373 11.72 -3.69 -9.58
C PHE A 373 11.14 -4.10 -8.25
N GLY A 374 10.35 -5.15 -8.30
CA GLY A 374 9.94 -5.84 -7.10
C GLY A 374 8.55 -5.46 -6.70
N SER A 375 7.98 -6.31 -5.88
CA SER A 375 6.63 -6.11 -5.31
C SER A 375 5.65 -5.93 -6.48
N ASP A 376 4.66 -5.11 -6.27
CA ASP A 376 3.52 -4.97 -7.19
C ASP A 376 3.64 -3.64 -7.98
N HIS A 377 4.79 -2.98 -7.98
CA HIS A 377 4.86 -1.60 -8.54
C HIS A 377 4.63 -1.66 -10.04
N LYS A 378 5.27 -2.59 -10.73
CA LYS A 378 5.11 -2.65 -12.21
C LYS A 378 3.68 -3.04 -12.57
N LEU A 379 3.06 -3.96 -11.81
CA LEU A 379 1.68 -4.35 -12.10
C LEU A 379 0.77 -3.11 -11.88
N ASN A 380 0.97 -2.43 -10.76
CA ASN A 380 0.17 -1.24 -10.44
C ASN A 380 0.29 -0.25 -11.61
N SER A 381 1.49 -0.10 -12.20
CA SER A 381 1.71 0.86 -13.29
C SER A 381 0.88 0.41 -14.50
N ARG A 382 0.90 -0.88 -14.80
CA ARG A 382 0.09 -1.43 -15.88
C ARG A 382 -1.41 -1.12 -15.68
N MET A 383 -1.92 -1.36 -14.49
CA MET A 383 -3.33 -1.12 -14.20
C MET A 383 -3.59 0.37 -14.35
N VAL A 384 -2.71 1.23 -13.84
CA VAL A 384 -2.92 2.70 -13.92
C VAL A 384 -3.10 3.10 -15.40
N GLU A 385 -2.29 2.58 -16.31
CA GLU A 385 -2.35 3.04 -17.71
C GLU A 385 -3.46 2.30 -18.48
N ASP A 386 -3.63 0.99 -18.28
CA ASP A 386 -4.37 0.15 -19.22
C ASP A 386 -5.65 -0.45 -18.66
N SER A 387 -5.91 -0.32 -17.36
CA SER A 387 -7.19 -0.82 -16.81
C SER A 387 -7.93 0.33 -16.14
N TRP A 388 -7.37 0.88 -15.08
CA TRP A 388 -7.99 1.98 -14.33
C TRP A 388 -8.00 3.22 -15.25
N LYS A 389 -6.95 3.41 -16.03
CA LYS A 389 -6.80 4.53 -17.01
C LYS A 389 -6.85 5.87 -16.27
N ILE A 390 -6.08 5.91 -15.19
CA ILE A 390 -5.94 7.11 -14.31
C ILE A 390 -4.55 7.75 -14.44
N GLY A 391 -3.79 7.32 -15.43
CA GLY A 391 -2.45 7.87 -15.62
C GLY A 391 -1.73 7.20 -16.76
N VAL A 392 -0.45 7.53 -16.88
CA VAL A 392 0.37 7.05 -18.01
C VAL A 392 1.69 6.53 -17.46
N ARG A 393 2.27 5.62 -18.21
CA ARG A 393 3.66 5.17 -18.01
C ARG A 393 4.56 6.03 -18.90
N LEU A 394 5.84 5.84 -18.72
CA LEU A 394 6.91 6.57 -19.44
C LEU A 394 7.48 5.73 -20.57
N GLU A 395 7.86 6.40 -21.64
CA GLU A 395 8.76 5.80 -22.66
C GLU A 395 10.03 5.25 -22.02
N GLY A 396 10.27 3.96 -22.26
CA GLY A 396 11.44 3.23 -21.75
C GLY A 396 11.38 2.95 -20.27
N GLY A 397 10.27 3.24 -19.58
CA GLY A 397 10.09 3.05 -18.13
C GLY A 397 11.07 3.88 -17.31
N VAL A 398 11.56 5.01 -17.85
CA VAL A 398 12.55 5.86 -17.12
C VAL A 398 12.18 7.34 -17.29
N LEU A 399 12.61 8.15 -16.36
CA LEU A 399 12.43 9.63 -16.43
C LEU A 399 13.52 10.25 -17.27
N SER A 400 13.57 9.90 -18.54
CA SER A 400 14.37 10.64 -19.54
C SER A 400 13.74 12.01 -19.75
N LYS A 401 14.49 12.99 -20.24
CA LYS A 401 13.87 14.31 -20.46
C LYS A 401 12.74 14.18 -21.48
N THR A 402 12.97 13.54 -22.64
CA THR A 402 11.91 13.44 -23.68
C THR A 402 10.71 12.66 -23.10
N ALA A 403 10.94 11.56 -22.36
CA ALA A 403 9.83 10.70 -21.84
C ALA A 403 9.00 11.52 -20.83
N THR A 404 9.66 12.31 -20.01
CA THR A 404 9.03 13.14 -18.98
C THR A 404 8.23 14.29 -19.62
N VAL A 405 8.82 15.03 -20.54
CA VAL A 405 8.08 16.10 -21.27
C VAL A 405 6.85 15.46 -21.94
N GLU A 406 6.99 14.28 -22.56
CA GLU A 406 5.85 13.62 -23.25
C GLU A 406 4.76 13.28 -22.22
N ALA A 407 5.11 12.62 -21.14
CA ALA A 407 4.08 12.22 -20.14
C ALA A 407 3.38 13.43 -19.56
N LEU A 408 4.11 14.47 -19.23
CA LEU A 408 3.48 15.71 -18.71
C LEU A 408 2.54 16.30 -19.76
N GLY A 409 2.91 16.26 -21.03
CA GLY A 409 2.00 16.78 -22.06
C GLY A 409 0.75 15.91 -22.15
N ARG A 410 0.92 14.58 -22.08
CA ARG A 410 -0.24 13.68 -22.25
C ARG A 410 -1.24 14.01 -21.12
N VAL A 411 -0.76 14.09 -19.87
CA VAL A 411 -1.67 14.27 -18.70
C VAL A 411 -2.16 15.72 -18.63
N MET A 412 -1.30 16.70 -18.86
CA MET A 412 -1.61 18.11 -18.52
C MET A 412 -2.22 18.88 -19.69
N MET A 413 -2.01 18.46 -20.93
CA MET A 413 -2.52 19.27 -22.06
C MET A 413 -2.70 18.39 -23.29
N SER A 414 -3.54 17.38 -23.17
CA SER A 414 -3.99 16.58 -24.32
C SER A 414 -5.44 16.17 -24.12
N GLU A 415 -6.10 15.78 -25.20
CA GLU A 415 -7.45 15.18 -25.11
C GLU A 415 -7.39 13.88 -24.34
N GLU A 416 -6.31 13.12 -24.48
CA GLU A 416 -6.11 11.89 -23.67
C GLU A 416 -6.11 12.27 -22.17
N GLY A 417 -5.45 13.38 -21.85
CA GLY A 417 -5.41 13.94 -20.49
C GLY A 417 -6.80 14.23 -19.92
N GLU A 418 -7.71 14.79 -20.72
CA GLU A 418 -9.06 15.13 -20.25
C GLU A 418 -9.80 13.84 -19.90
N ILE A 419 -9.58 12.78 -20.68
CA ILE A 419 -10.22 11.44 -20.44
C ILE A 419 -9.65 10.85 -19.16
N ILE A 420 -8.34 10.90 -18.98
CA ILE A 420 -7.69 10.44 -17.73
C ILE A 420 -8.26 11.20 -16.53
N ARG A 421 -8.40 12.52 -16.64
CA ARG A 421 -8.92 13.26 -15.45
CA ARG A 421 -9.04 13.43 -15.62
C ARG A 421 -10.42 12.88 -15.24
N GLU A 422 -11.25 12.65 -16.25
CA GLU A 422 -12.63 12.22 -15.94
C GLU A 422 -12.55 10.83 -15.29
N ASN A 423 -11.64 9.95 -15.74
CA ASN A 423 -11.53 8.59 -15.14
C ASN A 423 -11.10 8.70 -13.68
N VAL A 424 -10.12 9.52 -13.34
CA VAL A 424 -9.68 9.55 -11.93
C VAL A 424 -10.77 10.23 -11.09
N ASN A 425 -11.52 11.20 -11.63
CA ASN A 425 -12.61 11.82 -10.85
C ASN A 425 -13.70 10.77 -10.58
N GLU A 426 -14.03 9.97 -11.59
CA GLU A 426 -15.06 8.92 -11.43
C GLU A 426 -14.59 7.89 -10.42
N MET A 427 -13.30 7.56 -10.46
CA MET A 427 -12.78 6.53 -9.51
CA MET A 427 -12.73 6.54 -9.52
C MET A 427 -12.80 7.11 -8.09
N ASN A 428 -12.46 8.39 -7.94
CA ASN A 428 -12.59 9.09 -6.63
C ASN A 428 -14.04 8.96 -6.16
N GLU A 429 -15.01 9.23 -7.04
CA GLU A 429 -16.43 9.15 -6.61
C GLU A 429 -16.78 7.73 -6.15
N LYS A 430 -16.30 6.72 -6.86
CA LYS A 430 -16.61 5.31 -6.48
C LYS A 430 -15.98 5.01 -5.13
N ALA A 431 -14.79 5.52 -4.86
CA ALA A 431 -14.12 5.26 -3.56
C ALA A 431 -14.95 5.90 -2.45
N LYS A 432 -15.45 7.10 -2.68
CA LYS A 432 -16.22 7.81 -1.65
C LYS A 432 -17.54 7.07 -1.38
N ILE A 433 -18.21 6.66 -2.45
CA ILE A 433 -19.45 5.88 -2.32
C ILE A 433 -19.18 4.59 -1.55
N ALA A 434 -18.06 3.95 -1.82
CA ALA A 434 -17.78 2.65 -1.19
C ALA A 434 -17.78 2.77 0.33
N VAL A 435 -17.25 3.86 0.89
CA VAL A 435 -17.05 3.98 2.36
C VAL A 435 -18.27 4.62 3.03
N GLU A 436 -19.16 5.23 2.26
CA GLU A 436 -20.39 5.82 2.82
C GLU A 436 -21.42 4.74 3.06
N PRO A 437 -22.44 5.04 3.90
CA PRO A 437 -23.45 4.03 4.21
C PRO A 437 -24.02 3.38 2.96
N LYS A 438 -24.20 2.06 3.02
CA LYS A 438 -24.71 1.26 1.89
C LYS A 438 -23.59 0.95 0.88
N GLY A 439 -22.42 1.56 1.01
CA GLY A 439 -21.31 1.31 0.09
C GLY A 439 -20.68 -0.06 0.34
N SER A 440 -19.99 -0.57 -0.66
CA SER A 440 -19.36 -1.90 -0.60
C SER A 440 -18.40 -1.99 0.60
N SER A 441 -17.53 -1.01 0.80
CA SER A 441 -16.55 -1.05 1.88
C SER A 441 -17.23 -0.89 3.24
N PHE A 442 -18.24 -0.02 3.30
CA PHE A 442 -19.05 0.16 4.53
C PHE A 442 -19.65 -1.19 4.98
N LYS A 443 -20.29 -1.88 4.05
CA LYS A 443 -20.94 -3.15 4.32
C LYS A 443 -19.87 -4.20 4.67
N ASN A 444 -18.75 -4.24 3.95
CA ASN A 444 -17.69 -5.21 4.27
C ASN A 444 -17.10 -4.95 5.63
N PHE A 445 -16.98 -3.72 6.04
CA PHE A 445 -16.41 -3.39 7.35
C PHE A 445 -17.41 -3.82 8.43
N ASN A 446 -18.70 -3.68 8.20
CA ASN A 446 -19.70 -4.21 9.17
C ASN A 446 -19.61 -5.74 9.26
N LYS A 447 -19.39 -6.40 8.14
CA LYS A 447 -19.18 -7.86 8.13
C LYS A 447 -17.97 -8.19 8.97
N LEU A 448 -16.88 -7.45 8.80
CA LEU A 448 -15.67 -7.71 9.60
C LEU A 448 -15.95 -7.55 11.09
N LEU A 449 -16.67 -6.52 11.48
CA LEU A 449 -17.05 -6.32 12.89
C LEU A 449 -17.86 -7.52 13.40
N GLU A 450 -18.76 -8.04 12.62
CA GLU A 450 -19.56 -9.26 13.00
CA GLU A 450 -19.55 -9.25 12.99
C GLU A 450 -18.60 -10.45 13.23
N ILE A 451 -17.57 -10.58 12.41
CA ILE A 451 -16.65 -11.73 12.54
C ILE A 451 -15.86 -11.57 13.85
N ILE A 452 -15.31 -10.39 14.11
CA ILE A 452 -14.40 -10.24 15.26
C ILE A 452 -15.17 -10.16 16.57
N ASN A 453 -16.39 -9.62 16.58
CA ASN A 453 -17.00 -9.30 17.89
C ASN A 453 -17.95 -10.45 18.31
N ALA A 454 -18.22 -11.37 17.35
CA ALA A 454 -18.79 -12.73 17.42
C ALA A 454 -20.30 -12.55 17.60
N PRO A 455 -20.96 -13.25 18.56
CA PRO A 455 -22.39 -13.07 18.84
C PRO A 455 -22.75 -11.71 19.45
N GLN A 456 -21.74 -10.98 19.94
CA GLN A 456 -21.86 -9.65 20.59
C GLN A 456 -20.49 -9.22 21.11
#